data_6CWK
#
_entry.id   6CWK
#
_cell.length_a   60.294
_cell.length_b   60.294
_cell.length_c   81.389
_cell.angle_alpha   90.000
_cell.angle_beta   90.000
_cell.angle_gamma   90.000
#
_symmetry.space_group_name_H-M   'P 43 21 2'
#
loop_
_entity.id
_entity.type
_entity.pdbx_description
1 polymer 'Anti-Ricin antibody'
2 non-polymer 'SULFATE ION'
3 non-polymer 1,2-ETHANEDIOL
4 non-polymer 'CHLORIDE ION'
5 water water
#
_entity_poly.entity_id   1
_entity_poly.type   'polypeptide(L)'
_entity_poly.pdbx_seq_one_letter_code
;QVQLAESGGGLVQAGGSLKLSCAASGRDFSMYMLAWFRQAPGKEREFVAAIMCSGGGGGTYYADSMQGRFTISRDNAKKT
VALQMNSLKPEDTAVYYCAASTTYCSATTYSSDRLYDFWGQGTQVTVSSEPKTPKPQ
;
_entity_poly.pdbx_strand_id   A
#
loop_
_chem_comp.id
_chem_comp.type
_chem_comp.name
_chem_comp.formula
CL non-polymer 'CHLORIDE ION' 'Cl -1'
EDO non-polymer 1,2-ETHANEDIOL 'C2 H6 O2'
SO4 non-polymer 'SULFATE ION' 'O4 S -2'
#
# COMPACT_ATOMS: atom_id res chain seq x y z
N GLN A 1 -7.83 -8.39 -15.08
CA GLN A 1 -8.91 -7.54 -14.57
C GLN A 1 -8.41 -6.19 -14.04
N VAL A 2 -7.33 -6.21 -13.26
CA VAL A 2 -6.76 -5.02 -12.63
C VAL A 2 -5.27 -5.02 -12.93
N GLN A 3 -4.75 -3.85 -13.26
CA GLN A 3 -3.32 -3.69 -13.38
C GLN A 3 -2.92 -2.62 -12.40
N LEU A 4 -1.75 -2.77 -11.80
CA LEU A 4 -1.25 -1.87 -10.78
C LEU A 4 0.19 -1.51 -11.08
N ALA A 5 0.53 -0.26 -10.93
CA ALA A 5 1.88 0.20 -11.21
C ALA A 5 2.27 1.26 -10.22
N GLU A 6 3.27 0.93 -9.39
CA GLU A 6 3.76 1.77 -8.34
C GLU A 6 4.83 2.74 -8.83
N SER A 7 4.93 3.86 -8.16
CA SER A 7 5.99 4.86 -8.40
C SER A 7 6.27 5.60 -7.13
N GLY A 8 7.36 6.38 -7.12
CA GLY A 8 7.64 7.33 -6.08
C GLY A 8 8.78 6.92 -5.18
N GLY A 9 9.33 5.76 -5.35
CA GLY A 9 10.41 5.31 -4.54
C GLY A 9 11.71 5.96 -4.89
N GLY A 10 12.67 5.72 -4.01
CA GLY A 10 14.02 6.23 -4.24
C GLY A 10 14.80 6.12 -2.95
N LEU A 11 15.91 6.88 -3.00
CA LEU A 11 16.84 7.01 -1.90
C LEU A 11 16.47 8.27 -1.13
N VAL A 12 16.24 8.15 0.17
CA VAL A 12 15.84 9.29 1.01
C VAL A 12 16.58 9.20 2.33
N GLN A 13 16.75 10.34 2.99
CA GLN A 13 17.46 10.37 4.26
C GLN A 13 16.51 10.13 5.43
N ALA A 14 17.03 9.45 6.47
CA ALA A 14 16.25 9.25 7.69
C ALA A 14 15.71 10.59 8.19
N GLY A 15 14.48 10.52 8.69
CA GLY A 15 13.74 11.67 9.10
C GLY A 15 12.96 12.31 8.00
N GLY A 16 13.27 11.98 6.76
CA GLY A 16 12.58 12.54 5.61
C GLY A 16 11.26 11.86 5.36
N SER A 17 10.67 12.18 4.23
CA SER A 17 9.40 11.59 3.86
C SER A 17 9.34 11.28 2.36
N LEU A 18 8.41 10.41 1.99
CA LEU A 18 8.26 9.99 0.62
C LEU A 18 6.77 9.75 0.45
N LYS A 19 6.23 10.03 -0.73
CA LYS A 19 4.87 9.63 -1.07
C LYS A 19 4.94 8.65 -2.22
N LEU A 20 4.53 7.42 -2.00
CA LEU A 20 4.41 6.44 -3.05
C LEU A 20 3.03 6.51 -3.63
N SER A 21 2.94 6.17 -4.92
CA SER A 21 1.65 6.14 -5.61
C SER A 21 1.51 4.86 -6.41
N CYS A 22 0.26 4.47 -6.73
N CYS A 22 0.28 4.42 -6.61
CA CYS A 22 -0.05 3.18 -7.37
CA CYS A 22 0.05 3.32 -7.52
C CYS A 22 -1.20 3.46 -8.33
C CYS A 22 -1.12 3.70 -8.38
N ALA A 23 -0.89 3.55 -9.65
CA ALA A 23 -1.89 3.76 -10.66
C ALA A 23 -2.55 2.43 -11.00
N ALA A 24 -3.85 2.38 -10.93
CA ALA A 24 -4.59 1.16 -11.20
C ALA A 24 -5.44 1.31 -12.46
N SER A 25 -5.77 0.18 -13.06
CA SER A 25 -6.76 0.07 -14.13
C SER A 25 -7.89 -0.79 -13.59
N GLY A 26 -9.11 -0.58 -14.11
CA GLY A 26 -10.26 -1.34 -13.68
C GLY A 26 -11.55 -0.55 -13.50
N ARG A 27 -12.63 -0.97 -14.16
CA ARG A 27 -13.85 -0.15 -14.21
C ARG A 27 -14.41 0.21 -12.83
N ASP A 28 -14.49 -0.78 -11.99
CA ASP A 28 -15.13 -0.72 -10.63
C ASP A 28 -14.15 -0.58 -9.52
N PHE A 29 -13.06 0.17 -9.74
CA PHE A 29 -12.02 0.40 -8.78
C PHE A 29 -12.52 0.73 -7.38
N SER A 30 -13.53 1.57 -7.31
CA SER A 30 -14.00 2.00 -5.97
C SER A 30 -14.51 0.88 -5.12
N MET A 31 -14.82 -0.25 -5.70
N MET A 31 -14.86 -0.26 -5.72
CA MET A 31 -15.36 -1.41 -5.01
CA MET A 31 -15.36 -1.44 -5.01
C MET A 31 -14.28 -2.34 -4.50
C MET A 31 -14.26 -2.33 -4.46
N TYR A 32 -13.00 -2.03 -4.75
CA TYR A 32 -11.89 -2.93 -4.37
C TYR A 32 -11.18 -2.46 -3.14
N MET A 33 -10.75 -3.39 -2.33
N MET A 33 -10.64 -3.35 -2.31
CA MET A 33 -9.81 -3.16 -1.26
CA MET A 33 -9.71 -2.93 -1.26
C MET A 33 -8.40 -3.10 -1.79
C MET A 33 -8.28 -3.05 -1.77
N LEU A 34 -7.63 -2.10 -1.34
N LEU A 34 -7.57 -2.35 -1.05
CA LEU A 34 -6.23 -1.96 -1.74
CA LEU A 34 -6.28 -1.94 -1.62
C LEU A 34 -5.30 -1.93 -0.55
C LEU A 34 -5.34 -2.16 -0.46
N ALA A 35 -4.07 -2.38 -0.79
CA ALA A 35 -3.09 -2.49 0.29
C ALA A 35 -1.71 -2.16 -0.21
N TRP A 36 -0.86 -1.78 0.73
CA TRP A 36 0.59 -1.73 0.53
C TRP A 36 1.24 -2.79 1.42
N PHE A 37 2.18 -3.50 0.82
CA PHE A 37 3.06 -4.43 1.50
C PHE A 37 4.48 -3.97 1.21
N ARG A 38 5.44 -4.43 1.99
CA ARG A 38 6.85 -4.15 1.68
C ARG A 38 7.65 -5.39 1.94
N GLN A 39 8.74 -5.51 1.23
CA GLN A 39 9.64 -6.64 1.38
C GLN A 39 11.07 -6.16 1.39
N ALA A 40 11.71 -6.18 2.57
CA ALA A 40 13.11 -5.87 2.66
C ALA A 40 13.88 -7.02 2.08
N PRO A 41 15.01 -6.75 1.45
CA PRO A 41 15.80 -7.85 0.91
C PRO A 41 16.15 -8.86 1.99
N GLY A 42 16.02 -10.14 1.69
CA GLY A 42 16.31 -11.21 2.64
C GLY A 42 15.20 -11.50 3.57
N LYS A 43 14.08 -10.78 3.47
N LYS A 43 14.09 -10.78 3.51
CA LYS A 43 12.98 -10.92 4.40
CA LYS A 43 13.02 -10.94 4.47
C LYS A 43 11.66 -11.26 3.71
C LYS A 43 11.74 -11.32 3.74
N GLU A 44 10.71 -11.65 4.53
CA GLU A 44 9.40 -11.97 4.00
C GLU A 44 8.60 -10.68 3.77
N ARG A 45 7.57 -10.80 2.95
CA ARG A 45 6.66 -9.69 2.71
C ARG A 45 5.90 -9.33 3.98
N GLU A 46 5.77 -8.05 4.22
CA GLU A 46 5.24 -7.49 5.48
C GLU A 46 4.11 -6.54 5.10
N PHE A 47 2.95 -6.71 5.74
CA PHE A 47 1.84 -5.78 5.57
C PHE A 47 2.21 -4.42 6.11
N VAL A 48 1.82 -3.38 5.35
CA VAL A 48 1.98 -2.00 5.78
C VAL A 48 0.66 -1.30 6.08
N ALA A 49 -0.23 -1.29 5.09
CA ALA A 49 -1.49 -0.54 5.24
C ALA A 49 -2.49 -1.06 4.26
N ALA A 50 -3.79 -0.86 4.56
CA ALA A 50 -4.87 -1.23 3.65
C ALA A 50 -5.97 -0.19 3.74
N ILE A 51 -6.74 -0.10 2.66
CA ILE A 51 -7.86 0.83 2.59
C ILE A 51 -9.02 0.06 1.97
N MET A 52 -10.16 0.24 2.63
N MET A 52 -10.10 0.02 2.70
CA MET A 52 -11.41 -0.39 2.24
CA MET A 52 -11.27 -0.71 2.22
C MET A 52 -11.96 0.22 1.00
C MET A 52 -11.99 0.11 1.14
N CYS A 53 -12.87 -0.57 0.39
CA CYS A 53 -13.62 0.02 -0.70
C CYS A 53 -14.45 1.20 -0.20
N SER A 54 -14.91 1.99 -1.15
N SER A 54 -14.83 2.02 -1.15
CA SER A 54 -15.56 3.25 -0.80
CA SER A 54 -15.56 3.26 -0.84
C SER A 54 -16.95 3.04 -0.24
C SER A 54 -16.92 3.01 -0.20
N GLY A 55 -17.66 2.01 -0.67
CA GLY A 55 -18.97 1.75 -0.12
C GLY A 55 -18.94 1.35 1.34
N GLY A 56 -17.84 0.78 1.75
CA GLY A 56 -17.62 0.50 3.15
C GLY A 56 -17.02 1.64 3.91
N GLY A 57 -16.83 2.80 3.30
CA GLY A 57 -16.35 3.98 4.01
C GLY A 57 -14.87 4.22 3.86
N GLY A 58 -14.15 3.42 3.10
CA GLY A 58 -12.75 3.72 2.93
C GLY A 58 -11.93 3.69 4.20
N GLY A 59 -12.29 2.82 5.14
CA GLY A 59 -11.53 2.74 6.39
C GLY A 59 -10.12 2.23 6.12
N THR A 60 -9.24 2.53 7.04
CA THR A 60 -7.80 2.28 6.84
C THR A 60 -7.30 1.42 8.01
N TYR A 61 -6.41 0.49 7.62
N TYR A 61 -6.37 0.51 7.65
CA TYR A 61 -5.72 -0.40 8.54
CA TYR A 61 -5.70 -0.39 8.60
C TYR A 61 -4.21 -0.18 8.41
C TYR A 61 -4.20 -0.30 8.44
N TYR A 62 -3.50 -0.34 9.52
CA TYR A 62 -2.06 -0.17 9.50
C TYR A 62 -1.43 -1.26 10.32
N ALA A 63 -0.18 -1.62 9.98
CA ALA A 63 0.57 -2.47 10.85
C ALA A 63 0.98 -1.68 12.07
N ASP A 64 0.91 -2.29 13.21
CA ASP A 64 1.15 -1.55 14.45
C ASP A 64 2.60 -1.08 14.54
N SER A 65 3.51 -1.82 13.93
CA SER A 65 4.92 -1.55 14.19
C SER A 65 5.36 -0.18 13.69
N MET A 66 4.52 0.49 12.91
CA MET A 66 4.98 1.63 12.15
C MET A 66 4.60 2.95 12.80
N GLN A 67 3.97 2.91 13.96
CA GLN A 67 3.93 4.05 14.87
C GLN A 67 3.19 5.24 14.28
N GLY A 68 2.22 4.99 13.39
CA GLY A 68 1.44 6.06 12.81
C GLY A 68 2.18 6.90 11.78
N ARG A 69 3.34 6.46 11.32
CA ARG A 69 4.10 7.30 10.41
C ARG A 69 3.60 7.26 8.97
N PHE A 70 2.73 6.32 8.65
N PHE A 70 2.80 6.24 8.63
CA PHE A 70 2.29 6.15 7.28
CA PHE A 70 2.28 6.01 7.28
C PHE A 70 0.81 6.36 7.17
C PHE A 70 0.81 6.44 7.22
N THR A 71 0.41 6.89 6.02
CA THR A 71 -0.99 7.11 5.72
C THR A 71 -1.31 6.63 4.34
N ILE A 72 -2.32 5.77 4.21
CA ILE A 72 -2.79 5.27 2.96
C ILE A 72 -4.04 6.06 2.56
N SER A 73 -4.19 6.35 1.26
CA SER A 73 -5.37 7.07 0.77
C SER A 73 -5.66 6.59 -0.62
N ARG A 74 -6.87 6.86 -1.10
CA ARG A 74 -7.23 6.47 -2.46
C ARG A 74 -7.96 7.59 -3.15
N ASP A 75 -7.80 7.66 -4.46
CA ASP A 75 -8.51 8.66 -5.25
C ASP A 75 -9.28 7.78 -6.24
N ASN A 76 -10.62 7.67 -6.06
CA ASN A 76 -11.33 6.80 -6.94
C ASN A 76 -11.48 7.39 -8.34
N ALA A 77 -11.58 8.72 -8.46
CA ALA A 77 -11.72 9.30 -9.78
C ALA A 77 -10.51 8.99 -10.65
N LYS A 78 -9.33 9.03 -10.06
CA LYS A 78 -8.08 8.82 -10.80
C LYS A 78 -7.64 7.37 -10.79
N LYS A 79 -8.32 6.54 -10.02
N LYS A 79 -8.31 6.55 -10.01
CA LYS A 79 -7.95 5.14 -9.84
CA LYS A 79 -7.95 5.15 -9.83
C LYS A 79 -6.53 4.99 -9.32
C LYS A 79 -6.53 5.00 -9.31
N THR A 80 -6.23 5.71 -8.26
CA THR A 80 -4.91 5.66 -7.68
C THR A 80 -5.02 5.41 -6.18
N VAL A 81 -3.93 4.89 -5.59
N VAL A 81 -3.93 4.85 -5.62
CA VAL A 81 -3.80 4.78 -4.14
CA VAL A 81 -3.71 4.76 -4.19
C VAL A 81 -2.40 5.21 -3.78
C VAL A 81 -2.38 5.41 -3.89
N ALA A 82 -2.26 5.88 -2.65
CA ALA A 82 -1.02 6.55 -2.24
C ALA A 82 -0.63 6.06 -0.87
N LEU A 83 0.68 6.15 -0.58
CA LEU A 83 1.21 5.84 0.75
C LEU A 83 2.14 7.00 1.13
N GLN A 84 1.71 7.85 2.02
CA GLN A 84 2.50 8.91 2.56
C GLN A 84 3.32 8.35 3.72
N MET A 85 4.64 8.39 3.57
N MET A 85 4.64 8.42 3.62
N MET A 85 4.62 8.44 3.62
CA MET A 85 5.58 7.86 4.55
CA MET A 85 5.51 7.83 4.62
CA MET A 85 5.55 7.85 4.58
C MET A 85 6.27 9.06 5.20
C MET A 85 6.37 8.94 5.24
C MET A 85 6.34 8.97 5.23
N ASN A 86 6.14 9.18 6.51
CA ASN A 86 6.79 10.31 7.22
C ASN A 86 7.79 9.77 8.22
N SER A 87 8.72 10.67 8.60
CA SER A 87 9.67 10.38 9.66
C SER A 87 10.40 9.07 9.37
N LEU A 88 10.95 8.95 8.16
CA LEU A 88 11.44 7.65 7.72
C LEU A 88 12.66 7.20 8.51
N LYS A 89 12.80 5.89 8.61
CA LYS A 89 13.86 5.25 9.36
C LYS A 89 14.53 4.23 8.45
N PRO A 90 15.81 3.87 8.72
CA PRO A 90 16.45 2.87 7.91
C PRO A 90 15.66 1.53 7.82
N GLU A 91 14.92 1.18 8.86
N GLU A 91 14.91 1.21 8.88
CA GLU A 91 14.17 -0.06 8.80
CA GLU A 91 14.06 0.03 8.99
C GLU A 91 13.07 -0.02 7.75
C GLU A 91 12.93 0.04 7.96
N ASP A 92 12.72 1.15 7.26
CA ASP A 92 11.71 1.28 6.20
C ASP A 92 12.25 0.92 4.84
N THR A 93 13.57 0.62 4.73
CA THR A 93 14.17 0.22 3.46
C THR A 93 13.56 -1.09 2.98
N ALA A 94 13.01 -1.10 1.76
CA ALA A 94 12.28 -2.24 1.24
C ALA A 94 11.86 -1.95 -0.16
N VAL A 95 11.38 -3.00 -0.87
CA VAL A 95 10.55 -2.86 -2.05
C VAL A 95 9.10 -2.76 -1.62
N TYR A 96 8.38 -1.72 -2.03
CA TYR A 96 7.01 -1.53 -1.65
C TYR A 96 6.10 -1.92 -2.79
N TYR A 97 5.09 -2.71 -2.51
CA TYR A 97 4.13 -3.26 -3.48
C TYR A 97 2.74 -2.79 -3.15
N CYS A 98 1.99 -2.43 -4.14
N CYS A 98 1.95 -2.37 -4.17
CA CYS A 98 0.56 -2.29 -3.97
CA CYS A 98 0.50 -2.14 -4.03
C CYS A 98 -0.10 -3.56 -4.44
C CYS A 98 -0.26 -3.36 -4.56
N ALA A 99 -1.23 -3.84 -3.77
CA ALA A 99 -2.02 -5.02 -4.06
C ALA A 99 -3.50 -4.70 -3.97
N ALA A 100 -4.33 -5.45 -4.67
CA ALA A 100 -5.76 -5.21 -4.73
C ALA A 100 -6.48 -6.52 -4.53
N SER A 101 -7.66 -6.44 -3.88
CA SER A 101 -8.65 -7.48 -3.91
C SER A 101 -9.87 -6.97 -4.67
N THR A 102 -10.32 -7.71 -5.63
CA THR A 102 -11.55 -7.44 -6.30
C THR A 102 -12.69 -8.26 -5.73
N THR A 103 -12.45 -9.02 -4.67
CA THR A 103 -13.44 -9.79 -3.99
C THR A 103 -13.91 -9.14 -2.72
N TYR A 104 -13.04 -8.69 -1.90
CA TYR A 104 -13.37 -8.14 -0.60
C TYR A 104 -13.36 -6.64 -0.62
N CYS A 105 -14.28 -6.02 0.12
N CYS A 105 -14.27 -6.04 0.13
CA CYS A 105 -14.22 -4.61 0.44
CA CYS A 105 -14.16 -4.62 0.39
C CYS A 105 -13.36 -4.34 1.65
C CYS A 105 -13.36 -4.35 1.64
N SER A 106 -13.46 -5.25 2.62
CA SER A 106 -12.73 -5.20 3.87
C SER A 106 -12.51 -6.68 4.22
N ALA A 107 -11.65 -6.92 5.21
CA ALA A 107 -11.40 -8.32 5.58
C ALA A 107 -10.88 -8.41 6.99
N THR A 108 -11.24 -9.50 7.66
N THR A 108 -11.22 -9.50 7.67
CA THR A 108 -10.65 -9.82 8.96
CA THR A 108 -10.66 -9.72 8.99
C THR A 108 -9.19 -10.01 8.86
C THR A 108 -9.17 -10.09 8.91
N THR A 109 -8.75 -10.70 7.81
CA THR A 109 -7.35 -11.05 7.57
C THR A 109 -6.79 -10.12 6.49
N TYR A 110 -6.95 -8.82 6.69
CA TYR A 110 -6.47 -7.79 5.78
C TYR A 110 -4.97 -7.84 5.63
N SER A 111 -4.23 -8.33 6.58
CA SER A 111 -2.78 -8.34 6.52
C SER A 111 -2.22 -9.54 5.81
N SER A 112 -3.01 -10.51 5.41
N SER A 112 -3.04 -10.44 5.32
CA SER A 112 -2.53 -11.66 4.70
CA SER A 112 -2.57 -11.69 4.70
C SER A 112 -2.25 -11.30 3.24
C SER A 112 -2.28 -11.47 3.21
N ASP A 113 -1.01 -11.59 2.81
CA ASP A 113 -0.65 -11.40 1.40
C ASP A 113 -1.43 -12.35 0.50
N ARG A 114 -1.88 -13.51 0.97
CA ARG A 114 -2.62 -14.42 0.14
C ARG A 114 -4.02 -13.92 -0.17
N LEU A 115 -4.51 -12.93 0.54
CA LEU A 115 -5.87 -12.48 0.28
C LEU A 115 -5.97 -11.79 -1.07
N TYR A 116 -4.95 -11.08 -1.48
CA TYR A 116 -5.02 -10.14 -2.60
C TYR A 116 -4.82 -10.83 -3.95
N ASP A 117 -5.59 -10.40 -4.94
CA ASP A 117 -5.61 -11.02 -6.22
C ASP A 117 -4.67 -10.39 -7.22
N PHE A 118 -4.29 -9.17 -7.08
CA PHE A 118 -3.45 -8.45 -8.05
C PHE A 118 -2.36 -7.77 -7.30
N TRP A 119 -1.20 -7.70 -7.91
CA TRP A 119 0.02 -7.13 -7.33
C TRP A 119 0.70 -6.24 -8.37
N GLY A 120 1.27 -5.14 -7.91
CA GLY A 120 2.11 -4.31 -8.75
C GLY A 120 3.52 -4.84 -8.89
N GLN A 121 4.31 -4.11 -9.63
N GLN A 121 4.36 -4.03 -9.41
CA GLN A 121 5.73 -4.45 -9.88
CA GLN A 121 5.70 -4.45 -9.81
C GLN A 121 6.68 -4.07 -8.72
C GLN A 121 6.71 -4.06 -8.77
N GLY A 122 6.28 -3.26 -7.80
CA GLY A 122 7.13 -2.79 -6.73
C GLY A 122 7.81 -1.47 -7.06
N THR A 123 8.10 -0.69 -6.00
CA THR A 123 8.94 0.49 -6.09
C THR A 123 9.94 0.42 -4.97
N GLN A 124 11.21 0.70 -5.28
N GLN A 124 11.21 0.69 -5.28
CA GLN A 124 12.34 0.50 -4.37
CA GLN A 124 12.31 0.47 -4.36
C GLN A 124 12.62 1.72 -3.53
C GLN A 124 12.54 1.70 -3.52
N VAL A 125 12.76 1.49 -2.22
CA VAL A 125 13.02 2.56 -1.25
C VAL A 125 14.22 2.23 -0.41
N THR A 126 15.21 3.15 -0.33
CA THR A 126 16.28 3.05 0.64
C THR A 126 16.23 4.29 1.50
N VAL A 127 16.27 4.07 2.83
CA VAL A 127 16.34 5.16 3.79
C VAL A 127 17.71 5.08 4.40
N SER A 128 18.51 6.07 4.13
CA SER A 128 19.87 6.09 4.65
C SER A 128 19.93 6.74 6.03
N SER A 129 20.84 6.31 6.83
CA SER A 129 20.88 6.75 8.25
C SER A 129 21.33 8.20 8.41
S SO4 B . -2.62 -16.61 6.19
O1 SO4 B . -1.41 -16.95 6.91
O2 SO4 B . -3.52 -17.75 6.12
O3 SO4 B . -2.18 -16.21 4.85
O4 SO4 B . -3.27 -15.49 6.84
S SO4 C . -12.78 10.23 -4.80
O1 SO4 C . -11.90 9.22 -4.17
O2 SO4 C . -12.27 11.55 -4.38
O3 SO4 C . -12.79 10.25 -6.26
O4 SO4 C . -14.15 9.99 -4.33
C1 EDO D . 9.64 4.87 -10.02
O1 EDO D . 9.20 6.06 -9.40
C2 EDO D . 10.44 4.17 -8.96
O2 EDO D . 9.63 2.99 -8.86
C1 EDO E . 1.88 -12.74 -3.21
O1 EDO E . 1.34 -13.51 -2.13
C2 EDO E . 2.76 -13.71 -3.95
O2 EDO E . 2.06 -14.97 -3.97
CL CL F . 0.82 2.87 12.22
CL CL G . 1.28 -11.89 4.80
#